data_3T92
#
_entry.id   3T92
#
_cell.length_a   47.860
_cell.length_b   47.860
_cell.length_c   104.130
_cell.angle_alpha   90.00
_cell.angle_beta   90.00
_cell.angle_gamma   120.00
#
_symmetry.space_group_name_H-M   'P 65'
#
loop_
_entity.id
_entity.type
_entity.pdbx_description
1 polymer 'HISTONE ACETYLTRANSFERASE P300 TAZ2-CCAAT/ENHANCER-BINDING PROTEIN EPSILON'
2 non-polymer 'ZINC ION'
3 non-polymer "3,3',3''-phosphanetriyltripropanoic acid"
4 non-polymer TRIS(HYDROXYETHYL)AMINOMETHANE
5 non-polymer ACETONE
6 water water
#
_entity_poly.entity_id   1
_entity_poly.type   'polypeptide(L)'
_entity_poly.pdbx_seq_one_letter_code
;ATQSPGDSRRLSIQRAIQSLVHAAQCRNANCSLPSCQKMKRVVQHTKGCKRKTNGGCPICKQLIALAAYHAKHCQENKCP
VPFCLNIKQKLRQQQLEASIDLSAYIESGEEQLLSDLFAVK
;
_entity_poly.pdbx_strand_id   A
#
# COMPACT_ATOMS: atom_id res chain seq x y z
N ASP A 7 -3.53 17.55 -6.87
CA ASP A 7 -3.47 16.70 -8.10
C ASP A 7 -2.03 16.39 -8.53
N SER A 8 -1.11 17.32 -8.27
CA SER A 8 0.31 17.14 -8.66
C SER A 8 0.96 15.90 -8.03
N ARG A 9 0.83 15.76 -6.72
CA ARG A 9 1.39 14.59 -6.03
C ARG A 9 0.68 13.30 -6.42
N ARG A 10 -0.64 13.40 -6.66
CA ARG A 10 -1.41 12.24 -7.11
CA ARG A 10 -1.42 12.25 -7.11
C ARG A 10 -0.85 11.73 -8.44
N LEU A 11 -0.55 12.64 -9.36
CA LEU A 11 0.00 12.26 -10.65
C LEU A 11 1.43 11.68 -10.52
N SER A 12 2.21 12.25 -9.62
CA SER A 12 3.55 11.74 -9.32
CA SER A 12 3.55 11.73 -9.35
C SER A 12 3.46 10.30 -8.79
N ILE A 13 2.54 10.08 -7.85
CA ILE A 13 2.34 8.73 -7.31
C ILE A 13 1.89 7.78 -8.43
N GLN A 14 0.93 8.22 -9.22
CA GLN A 14 0.45 7.44 -10.38
C GLN A 14 1.59 6.99 -11.30
N ARG A 15 2.46 7.92 -11.70
CA ARG A 15 3.63 7.58 -12.54
C ARG A 15 4.52 6.53 -11.89
N ALA A 16 4.81 6.71 -10.61
CA ALA A 16 5.68 5.78 -9.91
C ALA A 16 5.02 4.39 -9.79
N ILE A 17 3.72 4.38 -9.51
CA ILE A 17 2.99 3.09 -9.50
C ILE A 17 3.09 2.40 -10.86
N GLN A 18 2.88 3.16 -11.94
CA GLN A 18 3.01 2.60 -13.30
C GLN A 18 4.40 1.96 -13.50
N SER A 19 5.44 2.64 -13.02
CA SER A 19 6.79 2.14 -13.13
CA SER A 19 6.79 2.15 -13.12
C SER A 19 6.95 0.85 -12.35
N LEU A 20 6.38 0.79 -11.15
CA LEU A 20 6.47 -0.42 -10.32
C LEU A 20 5.74 -1.60 -10.92
N VAL A 21 4.54 -1.35 -11.41
CA VAL A 21 3.73 -2.36 -12.08
C VAL A 21 4.49 -2.94 -13.29
N HIS A 22 5.12 -2.07 -14.08
CA HIS A 22 5.84 -2.57 -15.22
C HIS A 22 7.03 -3.42 -14.74
N ALA A 23 7.80 -2.87 -13.81
CA ALA A 23 9.00 -3.57 -13.33
C ALA A 23 8.70 -4.96 -12.79
N ALA A 24 7.60 -5.04 -12.06
CA ALA A 24 7.18 -6.29 -11.46
C ALA A 24 6.87 -7.42 -12.45
N GLN A 25 6.56 -7.07 -13.70
CA GLN A 25 6.23 -8.05 -14.71
C GLN A 25 7.25 -8.08 -15.85
N CYS A 26 8.32 -7.29 -15.72
CA CYS A 26 9.36 -7.19 -16.76
C CYS A 26 10.43 -8.28 -16.64
N ARG A 27 10.51 -9.15 -17.63
CA ARG A 27 11.51 -10.23 -17.58
C ARG A 27 12.71 -9.95 -18.49
N ASN A 28 12.76 -8.75 -19.05
CA ASN A 28 13.85 -8.35 -19.94
C ASN A 28 14.98 -7.72 -19.13
N ALA A 29 16.10 -8.43 -18.99
CA ALA A 29 17.24 -7.84 -18.25
C ALA A 29 17.84 -6.65 -19.03
N ASN A 30 17.51 -6.57 -20.32
CA ASN A 30 18.02 -5.54 -21.24
C ASN A 30 16.98 -4.42 -21.46
N CYS A 31 15.97 -4.38 -20.59
CA CYS A 31 14.93 -3.36 -20.68
C CYS A 31 15.56 -1.97 -20.69
N SER A 32 15.15 -1.14 -21.65
CA SER A 32 15.77 0.17 -21.83
C SER A 32 15.10 1.29 -21.02
N LEU A 33 13.99 1.01 -20.34
CA LEU A 33 13.31 2.04 -19.55
C LEU A 33 14.09 2.36 -18.28
N PRO A 34 14.59 3.60 -18.14
CA PRO A 34 15.31 3.88 -16.88
C PRO A 34 14.52 3.72 -15.61
N SER A 35 13.22 4.01 -15.64
CA SER A 35 12.37 3.83 -14.45
CA SER A 35 12.39 3.83 -14.44
C SER A 35 12.30 2.36 -14.04
N CYS A 36 12.40 1.47 -15.03
CA CYS A 36 12.33 0.02 -14.77
C CYS A 36 13.64 -0.44 -14.13
N GLN A 37 14.75 0.02 -14.69
CA GLN A 37 16.07 -0.34 -14.19
C GLN A 37 16.17 0.11 -12.74
N LYS A 38 15.72 1.33 -12.46
CA LYS A 38 15.77 1.89 -11.11
C LYS A 38 14.89 1.09 -10.17
N MET A 39 13.68 0.77 -10.61
CA MET A 39 12.75 0.06 -9.76
C MET A 39 13.25 -1.34 -9.41
N LYS A 40 13.83 -2.00 -10.39
CA LYS A 40 14.36 -3.36 -10.15
C LYS A 40 15.44 -3.36 -9.11
N ARG A 41 16.31 -2.33 -9.14
CA ARG A 41 17.37 -2.22 -8.12
C ARG A 41 16.78 -1.99 -6.77
N VAL A 42 15.74 -1.16 -6.67
CA VAL A 42 15.14 -0.88 -5.37
C VAL A 42 14.46 -2.12 -4.82
N VAL A 43 13.73 -2.82 -5.67
CA VAL A 43 13.06 -4.07 -5.25
C VAL A 43 14.10 -5.10 -4.78
N GLN A 44 15.20 -5.23 -5.52
CA GLN A 44 16.27 -6.14 -5.12
C GLN A 44 16.84 -5.78 -3.76
N HIS A 45 17.02 -4.49 -3.50
CA HIS A 45 17.46 -4.06 -2.18
C HIS A 45 16.53 -4.56 -1.08
N THR A 46 15.23 -4.39 -1.29
CA THR A 46 14.24 -4.76 -0.25
C THR A 46 14.23 -6.25 0.05
N LYS A 47 14.60 -7.07 -0.93
CA LYS A 47 14.62 -8.52 -0.75
C LYS A 47 15.63 -8.94 0.29
N GLY A 48 16.73 -8.21 0.39
CA GLY A 48 17.80 -8.58 1.29
C GLY A 48 18.01 -7.71 2.52
N CYS A 49 17.31 -6.58 2.61
CA CYS A 49 17.62 -5.61 3.65
C CYS A 49 17.28 -6.11 5.06
N LYS A 50 18.22 -5.94 5.98
CA LYS A 50 18.03 -6.39 7.34
C LYS A 50 17.39 -5.31 8.19
N ARG A 51 17.55 -4.05 7.78
CA ARG A 51 17.05 -2.90 8.54
C ARG A 51 15.54 -2.79 8.42
N LYS A 52 15.07 -2.87 7.18
CA LYS A 52 13.65 -2.74 6.82
CA LYS A 52 13.64 -2.80 6.91
C LYS A 52 13.06 -1.43 7.32
N THR A 53 11.74 -1.33 7.38
CA THR A 53 11.19 -0.04 7.75
C THR A 53 11.40 0.31 9.22
N ASN A 54 11.27 -0.67 10.10
CA ASN A 54 11.37 -0.35 11.53
C ASN A 54 12.79 0.02 11.96
N GLY A 55 13.78 -0.42 11.20
CA GLY A 55 15.17 -0.03 11.47
C GLY A 55 15.52 1.29 10.80
N GLY A 56 14.54 1.89 10.13
CA GLY A 56 14.70 3.23 9.55
C GLY A 56 15.21 3.34 8.13
N CYS A 57 15.13 2.27 7.34
CA CYS A 57 15.70 2.30 5.98
C CYS A 57 14.84 3.15 5.02
N PRO A 58 15.41 4.22 4.44
CA PRO A 58 14.56 5.05 3.58
C PRO A 58 14.20 4.37 2.26
N ILE A 59 15.05 3.47 1.78
CA ILE A 59 14.80 2.81 0.50
C ILE A 59 13.59 1.89 0.69
N CYS A 60 13.61 1.09 1.75
CA CYS A 60 12.47 0.19 1.99
C CYS A 60 11.19 0.99 2.25
N LYS A 61 11.29 2.05 3.05
CA LYS A 61 10.11 2.84 3.38
C LYS A 61 9.46 3.42 2.12
N GLN A 62 10.28 3.98 1.23
CA GLN A 62 9.77 4.56 0.00
CA GLN A 62 9.78 4.55 -0.01
C GLN A 62 9.11 3.49 -0.88
N LEU A 63 9.76 2.31 -1.01
CA LEU A 63 9.19 1.28 -1.90
C LEU A 63 7.88 0.76 -1.33
N ILE A 64 7.86 0.49 -0.03
CA ILE A 64 6.64 -0.06 0.59
C ILE A 64 5.50 0.98 0.56
N ALA A 65 5.82 2.27 0.79
CA ALA A 65 4.80 3.30 0.69
C ALA A 65 4.20 3.31 -0.74
N LEU A 66 5.05 3.16 -1.75
CA LEU A 66 4.56 3.13 -3.14
C LEU A 66 3.69 1.90 -3.38
N ALA A 67 4.16 0.74 -2.91
CA ALA A 67 3.41 -0.51 -3.04
C ALA A 67 2.06 -0.41 -2.30
N ALA A 68 2.04 0.33 -1.18
CA ALA A 68 0.79 0.50 -0.43
C ALA A 68 -0.23 1.35 -1.17
N TYR A 69 0.25 2.41 -1.85
CA TYR A 69 -0.64 3.21 -2.67
C TYR A 69 -1.17 2.39 -3.87
N HIS A 70 -0.34 1.51 -4.41
CA HIS A 70 -0.79 0.58 -5.42
C HIS A 70 -1.79 -0.44 -4.87
N ALA A 71 -1.48 -1.00 -3.71
CA ALA A 71 -2.28 -2.08 -3.18
C ALA A 71 -3.70 -1.66 -2.82
N LYS A 72 -3.85 -0.40 -2.43
CA LYS A 72 -5.15 0.17 -2.05
C LYS A 72 -6.21 -0.02 -3.13
N HIS A 73 -5.76 0.05 -4.40
CA HIS A 73 -6.69 -0.02 -5.55
C HIS A 73 -6.52 -1.27 -6.40
N CYS A 74 -5.51 -2.09 -6.08
CA CYS A 74 -5.19 -3.29 -6.86
C CYS A 74 -6.26 -4.37 -6.75
N GLN A 75 -6.68 -4.91 -7.89
CA GLN A 75 -7.74 -5.93 -7.93
C GLN A 75 -7.27 -7.30 -8.43
N GLU A 76 -5.94 -7.48 -8.44
CA GLU A 76 -5.33 -8.68 -8.98
C GLU A 76 -4.91 -9.68 -7.89
N ASN A 77 -5.53 -10.86 -7.89
CA ASN A 77 -5.32 -11.83 -6.81
C ASN A 77 -3.93 -12.49 -6.76
N LYS A 78 -3.27 -12.56 -7.92
CA LYS A 78 -1.90 -13.07 -8.00
C LYS A 78 -0.96 -11.97 -8.50
N CYS A 79 -1.18 -10.76 -8.01
CA CYS A 79 -0.38 -9.61 -8.41
C CYS A 79 1.09 -9.85 -8.15
N PRO A 80 1.96 -9.54 -9.13
CA PRO A 80 3.39 -9.73 -8.91
C PRO A 80 4.12 -8.56 -8.26
N VAL A 81 3.39 -7.49 -7.97
CA VAL A 81 4.05 -6.33 -7.36
C VAL A 81 4.58 -6.71 -5.95
N PRO A 82 5.87 -6.46 -5.68
CA PRO A 82 6.39 -6.73 -4.33
C PRO A 82 5.55 -6.08 -3.25
N PHE A 83 5.32 -6.85 -2.20
CA PHE A 83 4.55 -6.42 -1.01
C PHE A 83 3.06 -6.24 -1.24
N CYS A 84 2.57 -6.26 -2.50
CA CYS A 84 1.14 -5.99 -2.73
C CYS A 84 0.20 -6.93 -1.99
N LEU A 85 0.35 -8.24 -2.19
CA LEU A 85 -0.54 -9.23 -1.54
CA LEU A 85 -0.57 -9.18 -1.55
C LEU A 85 -0.49 -9.06 -0.03
N ASN A 86 0.70 -8.90 0.50
CA ASN A 86 0.83 -8.78 1.97
C ASN A 86 0.21 -7.47 2.50
N ILE A 87 0.35 -6.39 1.75
CA ILE A 87 -0.28 -5.14 2.15
C ILE A 87 -1.80 -5.25 2.05
N LYS A 88 -2.32 -5.94 1.03
CA LYS A 88 -3.76 -6.11 0.90
C LYS A 88 -4.29 -6.91 2.07
N GLN A 89 -3.50 -7.87 2.54
CA GLN A 89 -3.92 -8.65 3.71
C GLN A 89 -4.04 -7.75 4.94
N LYS A 90 -3.05 -6.87 5.12
CA LYS A 90 -3.06 -5.93 6.24
C LYS A 90 -4.22 -4.96 6.14
N LEU A 91 -4.53 -4.49 4.92
CA LEU A 91 -5.61 -3.54 4.73
C LEU A 91 -6.95 -4.21 4.97
N ARG A 92 -7.09 -5.46 4.52
CA ARG A 92 -8.30 -6.23 4.85
C ARG A 92 -8.49 -6.42 6.36
N GLN A 93 -7.40 -6.65 7.06
CA GLN A 93 -7.51 -6.82 8.51
C GLN A 93 -7.94 -5.51 9.14
N GLN A 94 -7.37 -4.41 8.67
CA GLN A 94 -7.76 -3.09 9.19
C GLN A 94 -9.21 -2.79 8.92
N GLN A 95 -9.69 -3.15 7.73
CA GLN A 95 -11.10 -2.97 7.40
C GLN A 95 -11.99 -3.80 8.30
N LEU A 96 -11.56 -5.02 8.62
CA LEU A 96 -12.36 -5.88 9.49
C LEU A 96 -12.44 -5.25 10.85
N GLU A 97 -11.31 -4.76 11.35
CA GLU A 97 -11.30 -4.15 12.69
C GLU A 97 -12.19 -2.90 12.72
N ALA A 98 -12.13 -2.09 11.68
CA ALA A 98 -12.98 -0.92 11.57
C ALA A 98 -14.47 -1.32 11.53
N SER A 99 -14.77 -2.42 10.83
CA SER A 99 -16.16 -2.88 10.70
C SER A 99 -16.71 -3.38 12.04
N ILE A 100 -15.86 -4.12 12.75
CA ILE A 100 -16.18 -4.62 14.10
C ILE A 100 -16.46 -3.44 15.05
N ASP A 101 -15.60 -2.43 14.99
CA ASP A 101 -15.80 -1.20 15.80
C ASP A 101 -17.11 -0.53 15.47
N LEU A 102 -17.39 -0.38 14.18
CA LEU A 102 -18.62 0.28 13.72
C LEU A 102 -19.84 -0.52 14.19
N SER A 103 -19.79 -1.86 14.07
CA SER A 103 -20.87 -2.71 14.55
CA SER A 103 -20.87 -2.71 14.54
C SER A 103 -21.16 -2.50 16.03
N ALA A 104 -20.10 -2.50 16.84
CA ALA A 104 -20.26 -2.31 18.29
C ALA A 104 -20.90 -0.95 18.57
N TYR A 105 -20.48 0.07 17.84
CA TYR A 105 -21.03 1.42 18.03
C TYR A 105 -22.50 1.48 17.65
N ILE A 106 -22.86 0.96 16.48
CA ILE A 106 -24.28 0.94 16.08
C ILE A 106 -25.12 0.15 17.09
N GLU A 107 -24.60 -0.98 17.56
CA GLU A 107 -25.33 -1.80 18.53
CA GLU A 107 -25.28 -1.82 18.55
C GLU A 107 -25.51 -1.10 19.88
N SER A 108 -24.73 -0.07 20.15
CA SER A 108 -24.88 0.64 21.43
C SER A 108 -26.20 1.44 21.52
N GLY A 109 -26.82 1.72 20.37
CA GLY A 109 -28.19 2.15 20.35
C GLY A 109 -28.44 3.63 20.17
N GLU A 110 -29.72 3.94 19.94
CA GLU A 110 -30.17 5.25 19.57
C GLU A 110 -29.79 6.33 20.60
N GLU A 111 -30.02 6.03 21.88
CA GLU A 111 -29.84 7.06 22.89
C GLU A 111 -28.36 7.44 22.98
N GLN A 112 -27.51 6.44 22.84
CA GLN A 112 -26.08 6.66 22.80
C GLN A 112 -25.67 7.55 21.64
N LEU A 113 -26.16 7.22 20.46
CA LEU A 113 -25.75 7.96 19.28
C LEU A 113 -26.22 9.40 19.36
N LEU A 114 -27.45 9.60 19.86
CA LEU A 114 -27.98 10.96 20.05
C LEU A 114 -27.17 11.78 21.03
N SER A 115 -26.72 11.14 22.11
CA SER A 115 -25.89 11.81 23.11
CA SER A 115 -25.91 11.82 23.11
C SER A 115 -24.57 12.27 22.52
N ASP A 116 -23.97 11.41 21.70
CA ASP A 116 -22.69 11.66 21.08
C ASP A 116 -22.78 12.74 20.04
N LEU A 117 -23.92 12.79 19.36
CA LEU A 117 -24.09 13.67 18.24
C LEU A 117 -24.08 15.09 18.80
N PHE A 118 -24.77 15.26 19.94
CA PHE A 118 -24.88 16.56 20.58
C PHE A 118 -23.91 16.75 21.75
N ALA A 119 -22.88 15.91 21.79
CA ALA A 119 -21.78 16.06 22.76
C ALA A 119 -20.83 17.19 22.35
#